data_5AN7
#
_entry.id   5AN7
#
_cell.length_a   75.110
_cell.length_b   84.430
_cell.length_c   37.640
_cell.angle_alpha   90.00
_cell.angle_beta   90.00
_cell.angle_gamma   90.00
#
_symmetry.space_group_name_H-M   'P 21 21 2'
#
loop_
_entity.id
_entity.type
_entity.pdbx_description
1 polymer RA95.5-8F
2 non-polymer 'PHOSPHATE ION'
3 non-polymer (2E)-1-(6-methoxynaphthalen-2-yl)but-2-en-1-one
4 water water
#
_entity_poly.entity_id   1
_entity_poly.type   'polypeptide(L)'
_entity_poly.pdbx_seq_one_letter_code
;MPRYLKGWLEDVVQLSLRRPSVHASRQRPIISLNERILEFNKRNITAIIAYYLRKSPSGLDVERDPIEYAKYMEPYAVGL
SIKTEEKYFDGSYEMLRKIASSVSIPILMNDFIVKESQIDDAYNLGADTVLLIVEILTERELESLLEYARGYGMEPLILI
NDENDLDIALRIGARFITIYSMNFETGEINKENQRKLISMIPSNVVKVPLLDFFEPNEIEELRKLGVNAFMISSSL
(MHO)RNPEKIKELIEGSLEHHHHHH
;
_entity_poly.pdbx_strand_id   A
#
loop_
_chem_comp.id
_chem_comp.type
_chem_comp.name
_chem_comp.formula
LLK non-polymer (2E)-1-(6-methoxynaphthalen-2-yl)but-2-en-1-one 'C15 H14 O2'
PO4 non-polymer 'PHOSPHATE ION' 'O4 P -3'
#
# COMPACT_ATOMS: atom_id res chain seq x y z
N PRO A 2 -14.98 11.78 1.29
CA PRO A 2 -15.13 10.42 0.73
C PRO A 2 -16.55 10.25 0.18
N ARG A 3 -16.81 9.07 -0.40
CA ARG A 3 -18.15 8.70 -0.77
C ARG A 3 -18.91 8.20 0.46
N TYR A 4 -20.19 7.92 0.23
CA TYR A 4 -21.03 7.21 1.17
C TYR A 4 -21.26 5.79 0.61
N LEU A 5 -20.75 4.80 1.33
N LEU A 5 -20.70 4.81 1.30
CA LEU A 5 -20.74 3.39 0.92
CA LEU A 5 -20.59 3.40 0.98
C LEU A 5 -21.66 2.58 1.80
C LEU A 5 -21.51 2.59 1.90
N LYS A 6 -21.46 1.27 1.85
CA LYS A 6 -22.23 0.35 2.67
C LYS A 6 -21.34 -0.57 3.49
N GLY A 7 -21.94 -1.19 4.50
CA GLY A 7 -21.18 -2.29 5.09
C GLY A 7 -20.01 -1.84 5.95
N TRP A 8 -19.13 -2.75 6.26
CA TRP A 8 -17.93 -2.50 7.08
C TRP A 8 -17.11 -1.38 6.45
N LEU A 9 -17.14 -1.29 5.08
CA LEU A 9 -16.29 -0.28 4.46
C LEU A 9 -16.79 1.11 4.83
N GLU A 10 -18.11 1.32 4.89
CA GLU A 10 -18.56 2.63 5.34
C GLU A 10 -18.25 2.87 6.82
N ASP A 11 -18.34 1.87 7.68
CA ASP A 11 -17.91 1.96 9.09
C ASP A 11 -16.47 2.47 9.15
N VAL A 12 -15.60 1.84 8.36
N VAL A 12 -15.54 1.89 8.35
CA VAL A 12 -14.20 2.25 8.28
CA VAL A 12 -14.17 2.40 8.43
C VAL A 12 -14.06 3.67 7.78
C VAL A 12 -14.04 3.78 7.81
N VAL A 13 -14.81 4.08 6.75
CA VAL A 13 -14.76 5.44 6.26
C VAL A 13 -15.13 6.43 7.35
N GLN A 14 -16.17 6.13 8.10
CA GLN A 14 -16.60 6.98 9.22
C GLN A 14 -15.57 7.02 10.37
N LEU A 15 -14.92 5.91 10.65
CA LEU A 15 -13.83 5.90 11.59
C LEU A 15 -12.69 6.80 11.16
N SER A 16 -12.33 6.67 9.88
CA SER A 16 -11.26 7.51 9.32
C SER A 16 -11.63 8.99 9.38
N LEU A 17 -12.89 9.32 9.07
CA LEU A 17 -13.28 10.72 9.07
C LEU A 17 -12.97 11.39 10.40
N ARG A 18 -13.19 10.66 11.50
CA ARG A 18 -13.05 11.25 12.81
C ARG A 18 -11.78 10.84 13.54
N ARG A 19 -10.83 10.23 12.80
CA ARG A 19 -9.63 9.81 13.47
C ARG A 19 -8.75 11.00 13.82
N PRO A 20 -8.41 11.12 15.08
CA PRO A 20 -7.63 12.31 15.47
C PRO A 20 -6.24 12.27 14.91
N SER A 21 -5.73 13.45 14.61
N SER A 21 -5.69 13.45 14.63
CA SER A 21 -4.37 13.58 14.10
CA SER A 21 -4.31 13.55 14.19
C SER A 21 -3.37 13.41 15.23
C SER A 21 -3.38 13.14 15.33
N VAL A 22 -2.27 12.78 14.88
N VAL A 22 -2.17 12.83 14.95
CA VAL A 22 -1.28 12.49 15.92
CA VAL A 22 -1.14 12.31 15.84
C VAL A 22 -0.30 13.64 16.14
C VAL A 22 -0.04 13.35 16.05
N HIS A 23 0.31 13.53 17.30
CA HIS A 23 1.36 14.19 17.94
C HIS A 23 2.64 13.41 17.77
N ALA A 24 3.37 13.65 16.69
CA ALA A 24 4.59 12.87 16.46
C ALA A 24 5.42 13.60 15.44
N SER A 25 6.68 13.23 15.46
CA SER A 25 7.53 13.77 14.36
C SER A 25 8.44 12.73 13.78
N ARG A 26 8.80 12.68 12.49
CA ARG A 26 9.57 11.49 12.01
C ARG A 26 11.05 11.57 12.33
N GLN A 27 11.85 10.50 12.13
CA GLN A 27 13.24 10.42 12.62
C GLN A 27 14.20 10.21 11.50
N ARG A 28 13.73 10.14 10.27
CA ARG A 28 14.62 10.02 9.14
C ARG A 28 13.91 10.58 7.91
N PRO A 29 14.65 10.84 6.84
CA PRO A 29 13.99 11.29 5.62
C PRO A 29 13.14 10.20 5.00
N ILE A 30 12.26 10.63 4.11
N ILE A 30 12.33 10.62 4.05
CA ILE A 30 11.56 9.67 3.26
CA ILE A 30 11.63 9.76 3.11
C ILE A 30 12.59 8.87 2.46
C ILE A 30 12.59 8.90 2.31
N ILE A 31 12.32 7.60 2.27
CA ILE A 31 12.99 6.69 1.38
C ILE A 31 11.94 6.32 0.36
N SER A 32 12.09 6.80 -0.85
CA SER A 32 11.03 6.69 -1.83
C SER A 32 10.75 5.26 -2.29
N LEU A 33 9.50 4.83 -2.12
CA LEU A 33 9.17 3.45 -2.48
C LEU A 33 9.08 3.28 -4.00
N ASN A 34 8.37 4.14 -4.73
CA ASN A 34 8.28 3.95 -6.19
C ASN A 34 9.66 4.04 -6.83
N GLU A 35 10.50 4.95 -6.40
CA GLU A 35 11.86 5.09 -6.92
C GLU A 35 12.72 3.88 -6.60
N ARG A 36 12.57 3.31 -5.40
CA ARG A 36 13.34 2.13 -5.07
C ARG A 36 12.91 0.97 -5.94
N ILE A 37 11.63 0.85 -6.26
CA ILE A 37 11.16 -0.18 -7.18
C ILE A 37 11.84 0.00 -8.54
N LEU A 38 11.86 1.21 -9.04
CA LEU A 38 12.50 1.45 -10.33
C LEU A 38 13.99 1.08 -10.32
N GLU A 39 14.66 1.35 -9.21
CA GLU A 39 16.05 0.99 -9.03
C GLU A 39 16.21 -0.53 -9.03
N PHE A 40 15.36 -1.23 -8.31
CA PHE A 40 15.43 -2.67 -8.30
C PHE A 40 15.21 -3.22 -9.71
N ASN A 41 14.30 -2.66 -10.47
CA ASN A 41 14.05 -3.08 -11.84
C ASN A 41 15.32 -2.94 -12.68
N LYS A 42 15.98 -1.78 -12.59
CA LYS A 42 17.20 -1.56 -13.37
C LYS A 42 18.29 -2.54 -12.99
N ARG A 43 18.33 -2.95 -11.72
CA ARG A 43 19.36 -3.81 -11.20
C ARG A 43 19.01 -5.27 -11.26
N ASN A 44 17.85 -5.59 -11.78
CA ASN A 44 17.35 -6.93 -11.92
C ASN A 44 17.24 -7.65 -10.57
N ILE A 45 16.72 -6.89 -9.59
CA ILE A 45 16.39 -7.46 -8.28
C ILE A 45 14.87 -7.59 -8.19
N THR A 46 14.36 -8.80 -7.97
CA THR A 46 12.92 -8.98 -7.81
C THR A 46 12.45 -8.12 -6.63
N ALA A 47 11.41 -7.34 -6.92
CA ALA A 47 10.91 -6.30 -6.02
C ALA A 47 9.61 -6.78 -5.39
N ILE A 48 9.68 -7.11 -4.08
CA ILE A 48 8.56 -7.61 -3.34
C ILE A 48 8.23 -6.65 -2.20
N ILE A 49 6.95 -6.22 -2.14
CA ILE A 49 6.45 -5.49 -1.00
C ILE A 49 5.80 -6.52 -0.06
N ALA A 50 6.37 -6.66 1.13
CA ALA A 50 5.82 -7.59 2.12
C ALA A 50 4.62 -6.92 2.77
N TYR A 51 3.45 -7.56 2.65
N TYR A 51 3.46 -7.58 2.72
CA TYR A 51 2.22 -7.01 3.16
CA TYR A 51 2.21 -6.96 3.16
C TYR A 51 1.93 -7.55 4.55
C TYR A 51 1.69 -7.49 4.49
N TYR A 52 1.79 -6.66 5.52
CA TYR A 52 1.50 -7.02 6.90
C TYR A 52 0.11 -6.52 7.30
N LEU A 53 -0.63 -7.40 7.92
N LEU A 53 -0.65 -7.38 7.95
CA LEU A 53 -1.80 -7.03 8.70
CA LEU A 53 -1.88 -7.00 8.63
C LEU A 53 -1.83 -7.94 9.94
C LEU A 53 -2.12 -7.96 9.81
N ARG A 54 -2.51 -7.42 10.97
CA ARG A 54 -2.74 -8.31 12.13
C ARG A 54 -4.06 -9.06 12.03
N LYS A 55 -5.10 -8.56 11.42
CA LYS A 55 -6.48 -9.09 11.34
C LYS A 55 -7.09 -8.60 10.06
N SER A 56 -8.16 -9.15 9.53
CA SER A 56 -8.88 -8.55 8.39
C SER A 56 -10.35 -8.82 8.57
N PRO A 57 -11.21 -8.11 7.87
CA PRO A 57 -12.64 -8.44 7.87
C PRO A 57 -12.88 -9.86 7.35
N VAL A 62 -2.19 -16.23 10.46
CA VAL A 62 -0.97 -16.47 11.23
C VAL A 62 -0.45 -15.15 11.79
N GLU A 63 -1.16 -14.65 12.80
CA GLU A 63 -0.80 -13.40 13.45
C GLU A 63 0.68 -13.33 13.82
N ARG A 64 1.36 -12.29 13.34
CA ARG A 64 2.78 -12.12 13.64
C ARG A 64 3.12 -10.85 14.38
N ASP A 65 4.22 -10.86 15.13
CA ASP A 65 4.75 -9.62 15.75
C ASP A 65 5.16 -8.69 14.62
N PRO A 66 4.57 -7.53 14.53
CA PRO A 66 4.85 -6.65 13.40
C PRO A 66 6.29 -6.15 13.32
N ILE A 67 6.89 -5.94 14.48
N ILE A 67 6.93 -5.98 14.46
CA ILE A 67 8.28 -5.48 14.48
CA ILE A 67 8.31 -5.47 14.48
C ILE A 67 9.17 -6.61 13.93
C ILE A 67 9.31 -6.55 14.11
N GLU A 68 9.02 -7.80 14.48
CA GLU A 68 9.80 -8.95 14.10
C GLU A 68 9.62 -9.25 12.62
N TYR A 69 8.40 -9.14 12.13
CA TYR A 69 8.13 -9.36 10.69
C TYR A 69 8.83 -8.32 9.85
N ALA A 70 8.79 -7.06 10.31
CA ALA A 70 9.47 -6.01 9.57
C ALA A 70 10.96 -6.24 9.50
N LYS A 71 11.55 -6.61 10.63
N LYS A 71 11.58 -6.59 10.63
CA LYS A 71 12.99 -6.86 10.67
CA LYS A 71 13.03 -6.80 10.61
C LYS A 71 13.37 -8.07 9.82
C LYS A 71 13.37 -8.06 9.83
N TYR A 72 12.51 -9.09 9.80
CA TYR A 72 12.75 -10.29 9.01
C TYR A 72 12.78 -9.93 7.52
N MET A 73 11.84 -9.08 7.12
CA MET A 73 11.72 -8.78 5.70
C MET A 73 12.71 -7.73 5.23
N GLU A 74 13.22 -6.89 6.11
CA GLU A 74 14.09 -5.77 5.77
C GLU A 74 15.22 -6.13 4.81
N PRO A 75 15.92 -7.25 4.95
CA PRO A 75 17.06 -7.54 4.06
C PRO A 75 16.70 -7.92 2.64
N TYR A 76 15.43 -8.22 2.37
CA TYR A 76 14.99 -8.79 1.15
C TYR A 76 13.94 -7.97 0.40
N ALA A 77 13.03 -7.32 1.07
CA ALA A 77 11.90 -6.66 0.52
C ALA A 77 12.23 -5.27 -0.05
N VAL A 78 11.50 -4.91 -1.11
CA VAL A 78 11.64 -3.55 -1.65
C VAL A 78 10.96 -2.52 -0.75
N GLY A 79 9.96 -2.99 0.03
CA GLY A 79 9.21 -2.14 0.91
C GLY A 79 8.30 -3.04 1.78
N LEU A 80 7.67 -2.36 2.74
CA LEU A 80 6.70 -2.99 3.63
C LEU A 80 5.38 -2.26 3.55
N SER A 81 4.27 -2.98 3.54
CA SER A 81 2.95 -2.39 3.71
C SER A 81 2.45 -2.69 5.12
N ILE A 82 2.13 -1.64 5.86
CA ILE A 82 1.70 -1.80 7.24
C ILE A 82 0.27 -1.25 7.37
N LYS A 83 -0.67 -2.12 7.69
N LYS A 83 -0.68 -2.12 7.68
CA LYS A 83 -2.09 -1.77 7.84
CA LYS A 83 -2.08 -1.69 7.78
C LYS A 83 -2.29 -1.01 9.14
C LYS A 83 -2.30 -1.01 9.13
N THR A 84 -2.75 0.24 9.10
CA THR A 84 -2.98 1.06 10.29
C THR A 84 -4.46 1.33 10.60
N GLU A 85 -5.37 0.72 9.87
CA GLU A 85 -6.79 0.78 10.23
C GLU A 85 -6.94 0.04 11.55
N GLU A 86 -7.70 0.61 12.48
CA GLU A 86 -7.78 0.05 13.84
C GLU A 86 -8.81 -1.05 14.05
N LYS A 87 -10.08 -0.82 13.67
CA LYS A 87 -11.11 -1.74 14.19
C LYS A 87 -11.10 -3.12 13.57
N TYR A 88 -10.91 -3.12 12.23
CA TYR A 88 -11.06 -4.37 11.48
C TYR A 88 -9.74 -5.06 11.23
N PHE A 89 -8.65 -4.27 11.21
CA PHE A 89 -7.33 -4.80 10.93
C PHE A 89 -6.39 -4.81 12.12
N ASP A 90 -6.79 -4.29 13.30
CA ASP A 90 -6.00 -4.23 14.50
C ASP A 90 -4.69 -3.51 14.27
N GLY A 91 -4.70 -2.52 13.39
CA GLY A 91 -3.56 -1.66 13.14
C GLY A 91 -3.42 -0.55 14.16
N SER A 92 -2.27 0.09 14.21
N SER A 92 -2.30 0.13 14.12
CA SER A 92 -1.99 1.22 15.04
CA SER A 92 -2.13 1.24 15.04
C SER A 92 -0.96 2.16 14.40
C SER A 92 -0.97 2.12 14.61
N TYR A 93 -1.16 3.42 14.81
CA TYR A 93 -0.15 4.41 14.53
C TYR A 93 1.13 4.14 15.31
N GLU A 94 1.03 3.69 16.55
CA GLU A 94 2.26 3.43 17.30
C GLU A 94 3.06 2.32 16.69
N MET A 95 2.44 1.27 16.17
N MET A 95 2.37 1.28 16.20
CA MET A 95 3.21 0.21 15.52
CA MET A 95 3.02 0.17 15.52
C MET A 95 3.86 0.72 14.25
C MET A 95 3.75 0.66 14.27
N LEU A 96 3.13 1.54 13.48
CA LEU A 96 3.76 2.15 12.30
C LEU A 96 5.01 2.92 12.70
N ARG A 97 4.89 3.73 13.75
CA ARG A 97 5.97 4.56 14.22
C ARG A 97 7.17 3.70 14.59
N LYS A 98 6.93 2.63 15.33
N LYS A 98 6.92 2.63 15.34
CA LYS A 98 7.96 1.75 15.84
CA LYS A 98 8.11 1.89 15.74
C LYS A 98 8.60 0.90 14.75
C LYS A 98 8.70 1.10 14.59
N ILE A 99 7.88 0.60 13.67
CA ILE A 99 8.43 -0.08 12.49
C ILE A 99 9.28 0.89 11.71
N ALA A 100 8.77 2.09 11.46
CA ALA A 100 9.48 3.06 10.67
C ALA A 100 10.74 3.58 11.27
N SER A 101 10.86 3.50 12.59
CA SER A 101 12.12 3.89 13.23
C SER A 101 13.03 2.69 13.40
N SER A 102 12.64 1.46 13.03
N SER A 102 12.60 1.47 13.06
CA SER A 102 13.56 0.33 13.28
CA SER A 102 13.41 0.28 13.31
C SER A 102 13.95 -0.45 12.04
C SER A 102 14.01 -0.33 12.05
N VAL A 103 13.46 -0.03 10.89
CA VAL A 103 13.98 -0.57 9.60
C VAL A 103 14.22 0.64 8.70
N SER A 104 15.05 0.46 7.68
CA SER A 104 15.56 1.47 6.77
C SER A 104 15.17 1.16 5.35
N ILE A 105 14.02 0.53 5.17
CA ILE A 105 13.45 0.32 3.83
C ILE A 105 12.11 1.04 3.80
N PRO A 106 11.59 1.34 2.62
CA PRO A 106 10.36 2.12 2.54
C PRO A 106 9.13 1.45 3.15
N ILE A 107 8.35 2.28 3.85
N ILE A 107 8.34 2.30 3.85
CA ILE A 107 7.15 1.89 4.57
CA ILE A 107 7.10 1.82 4.39
C ILE A 107 5.90 2.50 3.92
C ILE A 107 5.90 2.55 3.80
N LEU A 108 4.96 1.69 3.42
CA LEU A 108 3.67 2.18 2.97
C LEU A 108 2.69 2.14 4.15
N MET A 109 2.12 3.29 4.48
N MET A 109 2.08 3.26 4.47
CA MET A 109 0.98 3.33 5.40
CA MET A 109 1.01 3.33 5.48
C MET A 109 -0.25 2.92 4.62
C MET A 109 -0.32 2.99 4.81
N ASN A 110 -0.80 1.77 5.01
CA ASN A 110 -1.91 1.13 4.32
C ASN A 110 -3.15 1.34 5.20
N ASP A 111 -4.05 2.22 4.76
CA ASP A 111 -5.24 2.56 5.57
C ASP A 111 -6.27 3.04 4.58
N PHE A 112 -7.34 3.63 5.11
CA PHE A 112 -8.45 4.14 4.34
C PHE A 112 -8.43 5.64 4.53
N ILE A 113 -7.70 6.37 3.71
CA ILE A 113 -7.46 7.79 3.82
C ILE A 113 -8.56 8.60 3.16
N VAL A 114 -9.18 9.43 3.97
CA VAL A 114 -10.30 10.26 3.54
C VAL A 114 -10.09 11.73 3.82
N LYS A 115 -9.02 12.11 4.50
CA LYS A 115 -8.77 13.50 4.81
C LYS A 115 -7.27 13.72 4.90
N GLU A 116 -6.91 15.01 4.71
CA GLU A 116 -5.50 15.35 4.71
C GLU A 116 -4.76 15.06 5.98
N SER A 117 -5.42 15.18 7.13
N SER A 117 -5.41 15.20 7.14
CA SER A 117 -4.67 14.97 8.38
CA SER A 117 -4.65 14.97 8.37
C SER A 117 -4.15 13.54 8.50
C SER A 117 -4.09 13.55 8.43
N GLN A 118 -4.74 12.57 7.83
CA GLN A 118 -4.21 11.22 7.87
C GLN A 118 -2.91 11.13 7.09
N ILE A 119 -2.72 11.94 6.06
CA ILE A 119 -1.46 12.05 5.32
C ILE A 119 -0.39 12.73 6.21
N ASP A 120 -0.81 13.78 6.92
CA ASP A 120 0.07 14.40 7.92
C ASP A 120 0.55 13.35 8.92
N ASP A 121 -0.41 12.53 9.37
CA ASP A 121 -0.10 11.47 10.32
C ASP A 121 0.96 10.54 9.75
N ALA A 122 0.74 10.08 8.53
CA ALA A 122 1.70 9.15 7.92
C ALA A 122 3.10 9.75 7.88
N TYR A 123 3.21 11.02 7.44
CA TYR A 123 4.53 11.66 7.36
C TYR A 123 5.17 11.74 8.75
N ASN A 124 4.38 12.19 9.73
CA ASN A 124 4.87 12.43 11.07
C ASN A 124 5.23 11.16 11.78
N LEU A 125 4.65 10.03 11.37
CA LEU A 125 4.94 8.72 11.97
C LEU A 125 6.11 8.02 11.31
N GLY A 126 6.61 8.55 10.22
CA GLY A 126 7.77 7.97 9.56
C GLY A 126 7.46 7.21 8.29
N ALA A 127 6.21 7.09 7.86
CA ALA A 127 5.94 6.38 6.60
C ALA A 127 6.56 7.09 5.42
N ASP A 128 6.83 6.32 4.40
CA ASP A 128 7.43 6.85 3.20
C ASP A 128 6.44 7.13 2.11
N THR A 129 5.27 6.51 2.17
CA THR A 129 4.16 6.86 1.29
C THR A 129 2.87 6.31 1.90
N VAL A 130 1.77 6.61 1.22
CA VAL A 130 0.43 6.27 1.68
C VAL A 130 -0.35 5.64 0.56
N LEU A 131 -1.29 4.78 0.92
CA LEU A 131 -2.29 4.23 0.01
C LEU A 131 -3.45 5.20 -0.15
N LEU A 132 -3.94 5.39 -1.38
CA LEU A 132 -5.20 6.08 -1.66
C LEU A 132 -6.09 5.12 -2.46
N ILE A 133 -7.40 5.14 -2.20
CA ILE A 133 -8.29 4.12 -2.73
C ILE A 133 -9.36 4.78 -3.56
N VAL A 134 -9.34 4.53 -4.87
CA VAL A 134 -10.31 5.19 -5.77
C VAL A 134 -11.75 4.94 -5.33
N GLU A 135 -12.07 3.69 -4.92
CA GLU A 135 -13.43 3.26 -4.64
C GLU A 135 -14.10 4.11 -3.55
N ILE A 136 -13.34 4.64 -2.60
CA ILE A 136 -13.96 5.33 -1.48
C ILE A 136 -13.95 6.84 -1.61
N LEU A 137 -13.42 7.37 -2.74
CA LEU A 137 -13.26 8.78 -2.95
C LEU A 137 -13.92 9.20 -4.26
N THR A 138 -14.31 10.47 -4.33
CA THR A 138 -14.63 11.03 -5.65
C THR A 138 -13.33 11.39 -6.40
N GLU A 139 -13.49 11.69 -7.68
CA GLU A 139 -12.29 12.07 -8.42
C GLU A 139 -11.64 13.33 -7.83
N ARG A 140 -12.46 14.33 -7.46
CA ARG A 140 -11.91 15.58 -6.93
C ARG A 140 -11.13 15.36 -5.66
N GLU A 141 -11.58 14.57 -4.78
CA GLU A 141 -11.03 14.18 -3.53
C GLU A 141 -9.73 13.43 -3.77
N LEU A 142 -9.78 12.45 -4.65
CA LEU A 142 -8.57 11.68 -5.00
C LEU A 142 -7.50 12.64 -5.54
N GLU A 143 -7.83 13.55 -6.45
CA GLU A 143 -6.87 14.49 -6.96
C GLU A 143 -6.27 15.35 -5.86
N SER A 144 -7.11 15.83 -4.97
N SER A 144 -7.11 15.85 -4.97
CA SER A 144 -6.60 16.71 -3.91
CA SER A 144 -6.58 16.68 -3.87
C SER A 144 -5.71 15.99 -2.91
C SER A 144 -5.57 15.91 -3.02
N LEU A 145 -6.02 14.70 -2.63
CA LEU A 145 -5.18 13.92 -1.69
C LEU A 145 -3.91 13.47 -2.34
N LEU A 146 -3.95 13.18 -3.64
N LEU A 146 -3.98 13.15 -3.63
CA LEU A 146 -2.80 12.87 -4.48
CA LEU A 146 -2.75 12.77 -4.31
C LEU A 146 -1.79 14.03 -4.40
C LEU A 146 -1.80 13.96 -4.38
N GLU A 147 -2.22 15.23 -4.77
N GLU A 147 -2.33 15.15 -4.65
CA GLU A 147 -1.35 16.38 -4.75
CA GLU A 147 -1.45 16.31 -4.70
C GLU A 147 -0.88 16.71 -3.34
C GLU A 147 -0.86 16.61 -3.34
N TYR A 148 -1.68 16.45 -2.31
CA TYR A 148 -1.28 16.68 -0.93
C TYR A 148 -0.13 15.79 -0.56
N ALA A 149 -0.27 14.48 -0.82
CA ALA A 149 0.81 13.56 -0.55
C ALA A 149 2.07 13.88 -1.32
N ARG A 150 1.93 14.20 -2.61
N ARG A 150 1.92 14.24 -2.59
CA ARG A 150 3.12 14.56 -3.37
CA ARG A 150 3.08 14.58 -3.41
C ARG A 150 3.90 15.70 -2.73
C ARG A 150 3.84 15.80 -2.95
N GLY A 151 3.13 16.69 -2.25
CA GLY A 151 3.79 17.87 -1.72
C GLY A 151 4.80 17.54 -0.66
N TYR A 152 4.51 16.50 0.14
CA TYR A 152 5.41 16.08 1.18
C TYR A 152 6.61 15.37 0.61
N GLY A 153 6.54 14.87 -0.60
CA GLY A 153 7.60 14.02 -1.17
C GLY A 153 7.20 12.55 -1.25
N MET A 154 5.92 12.24 -1.08
N MET A 154 5.89 12.35 -1.12
CA MET A 154 5.36 10.90 -0.99
CA MET A 154 5.33 11.03 -1.19
C MET A 154 4.51 10.59 -2.22
C MET A 154 4.52 10.86 -2.48
N GLU A 155 4.98 9.87 -3.25
CA GLU A 155 4.16 9.49 -4.40
C GLU A 155 3.22 8.42 -3.90
N PRO A 156 1.91 8.71 -3.79
CA PRO A 156 1.02 7.72 -3.16
C PRO A 156 0.77 6.55 -4.07
N LEU A 157 0.45 5.41 -3.46
CA LEU A 157 0.07 4.19 -4.18
C LEU A 157 -1.44 4.16 -4.33
N ILE A 158 -1.89 4.21 -5.56
N ILE A 158 -1.92 4.16 -5.54
CA ILE A 158 -3.31 4.28 -5.85
CA ILE A 158 -3.36 4.29 -5.78
C ILE A 158 -3.88 2.88 -6.02
C ILE A 158 -3.98 2.95 -6.11
N LEU A 159 -4.90 2.52 -5.26
CA LEU A 159 -5.53 1.23 -5.34
C LEU A 159 -6.65 1.23 -6.36
N ILE A 160 -6.60 0.28 -7.31
CA ILE A 160 -7.64 0.07 -8.26
C ILE A 160 -8.20 -1.36 -8.16
N ASN A 161 -9.54 -1.46 -8.30
CA ASN A 161 -10.23 -2.73 -8.29
C ASN A 161 -10.88 -3.07 -9.61
N ASP A 162 -10.99 -2.14 -10.51
CA ASP A 162 -11.67 -2.38 -11.78
C ASP A 162 -11.22 -1.31 -12.76
N GLU A 163 -11.76 -1.42 -13.97
CA GLU A 163 -11.37 -0.53 -15.06
C GLU A 163 -11.79 0.91 -14.78
N ASN A 164 -12.96 1.13 -14.18
CA ASN A 164 -13.38 2.51 -13.87
C ASN A 164 -12.32 3.13 -12.93
N ASP A 165 -11.89 2.35 -11.95
CA ASP A 165 -10.92 2.89 -11.02
C ASP A 165 -9.60 3.25 -11.75
N LEU A 166 -9.17 2.35 -12.64
CA LEU A 166 -7.97 2.67 -13.43
C LEU A 166 -8.11 3.97 -14.18
N ASP A 167 -9.26 4.12 -14.83
CA ASP A 167 -9.45 5.30 -15.67
C ASP A 167 -9.45 6.57 -14.80
N ILE A 168 -10.05 6.53 -13.61
N ILE A 168 -10.04 6.57 -13.60
CA ILE A 168 -10.01 7.71 -12.72
CA ILE A 168 -9.97 7.77 -12.76
C ILE A 168 -8.55 7.98 -12.32
C ILE A 168 -8.53 8.01 -12.30
N ALA A 169 -7.81 6.94 -11.94
CA ALA A 169 -6.42 7.10 -11.57
C ALA A 169 -5.59 7.74 -12.66
N LEU A 170 -5.79 7.30 -13.89
CA LEU A 170 -5.00 7.91 -14.98
C LEU A 170 -5.49 9.33 -15.27
N ARG A 171 -6.80 9.61 -15.12
CA ARG A 171 -7.36 10.93 -15.36
C ARG A 171 -6.77 11.97 -14.43
N ILE A 172 -6.34 11.57 -13.24
CA ILE A 172 -5.73 12.53 -12.31
C ILE A 172 -4.22 12.44 -12.27
N GLY A 173 -3.62 11.63 -13.14
CA GLY A 173 -2.20 11.65 -13.26
C GLY A 173 -1.47 10.76 -12.29
N ALA A 174 -2.07 9.70 -11.79
CA ALA A 174 -1.42 8.74 -10.90
C ALA A 174 -0.14 8.19 -11.56
N ARG A 175 0.92 8.00 -10.77
CA ARG A 175 2.18 7.49 -11.25
C ARG A 175 2.56 6.16 -10.61
N PHE A 176 1.76 5.69 -9.66
CA PHE A 176 2.08 4.51 -8.87
C PHE A 176 0.76 3.83 -8.47
N ILE A 177 0.51 2.66 -9.00
CA ILE A 177 -0.80 1.97 -8.91
C ILE A 177 -0.61 0.58 -8.37
N THR A 178 -1.52 0.26 -7.40
CA THR A 178 -1.62 -1.16 -6.99
C THR A 178 -2.95 -1.73 -7.46
N ILE A 179 -2.84 -2.89 -8.11
CA ILE A 179 -3.96 -3.60 -8.70
C ILE A 179 -4.43 -4.64 -7.71
N TYR A 180 -5.41 -4.28 -6.92
CA TYR A 180 -6.01 -5.22 -5.97
C TYR A 180 -7.04 -6.11 -6.66
N SER A 181 -7.78 -5.54 -7.58
N SER A 181 -7.80 -5.55 -7.58
CA SER A 181 -8.92 -6.21 -8.21
CA SER A 181 -8.85 -6.35 -8.23
C SER A 181 -9.75 -6.98 -7.17
C SER A 181 -9.75 -6.99 -7.19
N MET A 182 -10.03 -6.30 -6.06
CA MET A 182 -10.60 -6.93 -4.92
C MET A 182 -12.06 -6.53 -4.74
N ASN A 183 -12.83 -7.55 -4.34
CA ASN A 183 -14.18 -7.29 -3.82
C ASN A 183 -14.03 -7.09 -2.33
N PHE A 184 -14.16 -5.84 -1.87
CA PHE A 184 -13.96 -5.62 -0.41
C PHE A 184 -14.99 -6.34 0.43
N GLU A 185 -16.11 -6.77 -0.13
CA GLU A 185 -17.08 -7.52 0.72
C GLU A 185 -16.57 -8.92 1.03
N THR A 186 -15.75 -9.50 0.15
CA THR A 186 -15.31 -10.89 0.39
C THR A 186 -13.80 -11.00 0.60
N GLY A 187 -13.04 -9.94 0.30
CA GLY A 187 -11.59 -9.99 0.24
C GLY A 187 -11.05 -10.76 -0.93
N GLU A 188 -11.83 -11.21 -1.95
N GLU A 188 -11.88 -11.13 -1.86
CA GLU A 188 -11.51 -11.83 -3.23
CA GLU A 188 -11.18 -11.98 -2.86
C GLU A 188 -10.54 -10.95 -4.02
C GLU A 188 -10.63 -11.15 -3.99
N ILE A 189 -9.49 -11.59 -4.51
CA ILE A 189 -8.77 -10.99 -5.61
C ILE A 189 -9.18 -11.64 -6.89
N ASN A 190 -9.67 -10.91 -7.88
CA ASN A 190 -10.03 -11.41 -9.21
C ASN A 190 -8.76 -11.37 -10.06
N LYS A 191 -8.11 -12.51 -10.10
CA LYS A 191 -6.82 -12.65 -10.75
C LYS A 191 -6.92 -12.40 -12.26
N GLU A 192 -8.06 -12.80 -12.85
CA GLU A 192 -8.29 -12.61 -14.27
C GLU A 192 -8.38 -11.12 -14.62
N ASN A 193 -9.16 -10.43 -13.83
CA ASN A 193 -9.33 -8.98 -14.03
C ASN A 193 -8.03 -8.24 -13.72
N GLN A 194 -7.29 -8.76 -12.76
CA GLN A 194 -6.00 -8.13 -12.44
C GLN A 194 -5.06 -8.13 -13.62
N ARG A 195 -4.95 -9.28 -14.29
CA ARG A 195 -4.10 -9.33 -15.48
C ARG A 195 -4.59 -8.35 -16.54
N LYS A 196 -5.91 -8.28 -16.74
CA LYS A 196 -6.46 -7.38 -17.78
C LYS A 196 -6.09 -5.93 -17.46
N LEU A 197 -6.28 -5.53 -16.21
CA LEU A 197 -5.96 -4.17 -15.81
C LEU A 197 -4.48 -3.84 -15.96
N ILE A 198 -3.58 -4.76 -15.58
CA ILE A 198 -2.14 -4.53 -15.72
C ILE A 198 -1.80 -4.12 -17.15
N SER A 199 -2.41 -4.78 -18.09
N SER A 199 -2.38 -4.78 -18.13
CA SER A 199 -2.19 -4.60 -19.51
CA SER A 199 -1.96 -4.45 -19.49
C SER A 199 -2.70 -3.29 -20.09
C SER A 199 -2.44 -3.08 -19.96
N MET A 200 -3.42 -2.53 -19.29
CA MET A 200 -4.01 -1.24 -19.63
C MET A 200 -3.28 -0.08 -18.99
N ILE A 201 -2.31 -0.34 -18.13
CA ILE A 201 -1.57 0.69 -17.43
C ILE A 201 -0.38 1.15 -18.28
N PRO A 202 -0.13 2.43 -18.44
CA PRO A 202 1.04 2.89 -19.19
C PRO A 202 2.35 2.46 -18.54
N SER A 203 3.38 2.34 -19.40
CA SER A 203 4.66 1.74 -19.02
C SER A 203 5.34 2.60 -17.97
N ASN A 204 5.13 3.92 -17.97
CA ASN A 204 5.81 4.82 -17.03
C ASN A 204 5.05 4.99 -15.73
N VAL A 205 3.99 4.22 -15.48
CA VAL A 205 3.34 4.16 -14.17
C VAL A 205 3.90 2.91 -13.49
N VAL A 206 4.37 3.03 -12.28
CA VAL A 206 4.89 1.85 -11.55
C VAL A 206 3.71 1.08 -11.08
N LYS A 207 3.55 -0.16 -11.30
CA LYS A 207 2.41 -1.02 -11.21
C LYS A 207 2.74 -2.28 -10.37
N VAL A 208 1.84 -2.50 -9.40
N VAL A 208 1.88 -2.47 -9.36
CA VAL A 208 2.05 -3.46 -8.33
CA VAL A 208 2.06 -3.51 -8.37
C VAL A 208 0.81 -4.30 -8.10
C VAL A 208 0.78 -4.29 -8.10
N PRO A 209 0.67 -5.52 -8.59
CA PRO A 209 -0.48 -6.36 -8.19
C PRO A 209 -0.33 -6.82 -6.75
N LEU A 210 -1.47 -7.00 -6.07
CA LEU A 210 -1.56 -7.70 -4.83
C LEU A 210 -1.78 -9.18 -5.12
N LEU A 211 -0.99 -10.04 -4.52
CA LEU A 211 -1.15 -11.49 -4.60
C LEU A 211 -1.20 -12.09 -3.20
N ASP A 212 -2.17 -12.97 -2.92
CA ASP A 212 -2.24 -13.70 -1.69
C ASP A 212 -1.22 -14.84 -1.73
N PHE A 213 -1.28 -15.59 -2.81
CA PHE A 213 -0.39 -16.68 -3.13
C PHE A 213 0.11 -16.51 -4.55
N PHE A 214 1.24 -17.09 -4.85
CA PHE A 214 1.82 -16.98 -6.19
C PHE A 214 2.18 -18.38 -6.70
N GLU A 215 2.00 -18.54 -8.01
CA GLU A 215 2.25 -19.79 -8.71
C GLU A 215 3.68 -19.72 -9.24
N PRO A 216 4.22 -20.88 -9.48
CA PRO A 216 5.58 -21.05 -9.97
C PRO A 216 6.10 -20.02 -10.94
N ASN A 217 5.30 -19.86 -11.97
CA ASN A 217 5.60 -19.16 -13.19
C ASN A 217 4.97 -17.79 -13.28
N GLU A 218 4.08 -17.54 -12.31
CA GLU A 218 3.17 -16.40 -12.36
C GLU A 218 3.94 -15.08 -12.25
N ILE A 219 4.94 -15.12 -11.38
CA ILE A 219 5.71 -13.91 -11.18
C ILE A 219 6.36 -13.56 -12.52
N GLU A 220 7.01 -14.54 -13.12
CA GLU A 220 7.66 -14.31 -14.41
C GLU A 220 6.71 -13.86 -15.50
N GLU A 221 5.53 -14.46 -15.58
CA GLU A 221 4.49 -14.10 -16.53
C GLU A 221 3.95 -12.66 -16.35
N LEU A 222 3.65 -12.27 -15.11
CA LEU A 222 3.28 -10.92 -14.75
C LEU A 222 4.43 -9.96 -15.05
N ARG A 223 5.70 -10.31 -14.81
CA ARG A 223 6.81 -9.37 -15.15
C ARG A 223 6.85 -9.15 -16.66
N LYS A 224 6.56 -10.23 -17.40
CA LYS A 224 6.44 -10.07 -18.84
C LYS A 224 5.30 -9.14 -19.23
N LEU A 225 4.26 -8.96 -18.45
CA LEU A 225 3.17 -8.02 -18.70
C LEU A 225 3.49 -6.57 -18.31
N GLY A 226 4.63 -6.33 -17.69
CA GLY A 226 5.16 -5.01 -17.33
C GLY A 226 5.10 -4.75 -15.84
N VAL A 227 4.80 -5.74 -15.02
CA VAL A 227 4.72 -5.47 -13.58
C VAL A 227 6.08 -5.07 -13.04
N ASN A 228 6.08 -4.07 -12.18
CA ASN A 228 7.29 -3.57 -11.56
C ASN A 228 7.59 -4.16 -10.20
N ALA A 229 6.60 -4.50 -9.41
CA ALA A 229 6.84 -5.06 -8.10
C ALA A 229 5.57 -5.86 -7.77
N PHE A 230 5.70 -6.71 -6.74
CA PHE A 230 4.64 -7.62 -6.32
C PHE A 230 4.43 -7.43 -4.83
N MET A 231 3.18 -7.15 -4.44
CA MET A 231 2.82 -7.00 -3.03
C MET A 231 2.13 -8.27 -2.59
N ILE A 232 2.76 -9.01 -1.69
CA ILE A 232 2.38 -10.37 -1.38
C ILE A 232 1.96 -10.44 0.11
N SER A 233 0.75 -10.99 0.29
CA SER A 233 0.14 -11.02 1.63
C SER A 233 0.20 -12.42 2.23
N SER A 234 -0.85 -13.20 2.08
CA SER A 234 -1.00 -14.43 2.86
C SER A 234 0.21 -15.34 2.82
N SER A 235 0.77 -15.54 1.64
CA SER A 235 1.89 -16.50 1.54
C SER A 235 3.07 -16.12 2.41
N LEU A 236 3.37 -14.82 2.48
CA LEU A 236 4.47 -14.40 3.32
C LEU A 236 4.14 -14.36 4.79
N MHO A 237 2.85 -14.17 5.12
CA MHO A 237 2.53 -14.29 6.55
CB MHO A 237 1.05 -13.88 6.72
CG MHO A 237 1.19 -12.42 6.36
SD MHO A 237 1.36 -11.24 7.74
CE MHO A 237 1.62 -12.06 9.27
C MHO A 237 2.60 -15.68 7.11
O MHO A 237 2.98 -15.98 8.21
OD1 MHO A 237 -0.09 -10.70 7.32
H MHO A 237 2.26 -13.98 4.53
HA MHO A 237 3.11 -13.69 7.07
HB2 MHO A 237 0.46 -14.35 6.10
HB3 MHO A 237 0.74 -13.99 7.63
HG2 MHO A 237 0.41 -12.16 5.84
HG3 MHO A 237 1.96 -12.33 5.79
HE1 MHO A 237 2.55 -12.32 9.35
HE2 MHO A 237 1.39 -11.48 10.00
HE3 MHO A 237 1.07 -12.86 9.30
N ARG A 238 2.14 -16.58 6.22
CA ARG A 238 2.23 -17.97 6.63
C ARG A 238 3.67 -18.46 6.60
N ASN A 239 4.41 -18.11 5.54
CA ASN A 239 5.75 -18.61 5.29
C ASN A 239 6.71 -17.49 4.92
N PRO A 240 7.11 -16.71 5.93
CA PRO A 240 7.93 -15.56 5.62
C PRO A 240 9.20 -15.88 4.81
N GLU A 241 9.72 -17.09 5.03
CA GLU A 241 10.94 -17.56 4.34
C GLU A 241 10.77 -17.59 2.82
N LYS A 242 9.59 -17.58 2.26
CA LYS A 242 9.44 -17.55 0.81
C LYS A 242 9.97 -16.26 0.20
N ILE A 243 10.12 -15.20 1.02
CA ILE A 243 10.72 -14.02 0.38
C ILE A 243 12.16 -14.26 -0.02
N LYS A 244 12.85 -15.20 0.67
CA LYS A 244 14.23 -15.49 0.30
C LYS A 244 14.31 -16.07 -1.11
N GLU A 245 13.46 -17.05 -1.35
CA GLU A 245 13.39 -17.73 -2.63
C GLU A 245 13.13 -16.71 -3.73
N LEU A 246 12.16 -15.85 -3.48
CA LEU A 246 11.79 -14.83 -4.46
C LEU A 246 12.96 -13.94 -4.87
N ILE A 247 13.75 -13.51 -3.91
CA ILE A 247 14.85 -12.61 -4.26
C ILE A 247 16.04 -13.40 -4.74
N GLU A 248 16.28 -14.57 -4.12
CA GLU A 248 17.50 -15.34 -4.42
C GLU A 248 17.29 -16.09 -5.71
N GLY A 249 18.69 -16.30 -6.25
P PO4 B . -24.69 4.31 8.92
O1 PO4 B . -25.83 4.94 9.70
O2 PO4 B . -24.05 5.31 7.99
O3 PO4 B . -25.20 3.02 8.12
O4 PO4 B . -23.67 3.70 9.95
P PO4 C . -17.98 2.33 15.29
O1 PO4 C . -17.19 1.45 14.33
O2 PO4 C . -17.15 2.48 16.63
O3 PO4 C . -19.33 1.56 15.65
O4 PO4 C . -18.36 3.68 14.70
C1 LLK D . -11.69 -6.88 2.65
O1 LLK D . -5.86 -5.93 3.07
C2 LLK D . -12.67 -7.89 2.88
C3 LLK D . -12.29 -9.12 3.42
O3 LLK D . -13.15 -10.15 3.68
C4 LLK D . -10.94 -9.39 3.74
C5 LLK D . -10.03 -8.36 3.48
C6 LLK D . -10.36 -7.14 2.96
C7 LLK D . -9.43 -6.11 2.71
C8 LLK D . -8.10 -6.41 3.04
C9 LLK D . -7.73 -7.67 3.58
C10 LLK D . -8.70 -8.67 3.81
C11 LLK D . -7.02 -5.51 2.88
C12 LLK D . -7.23 -4.10 2.54
C13 LLK D . -6.53 -2.84 2.86
C14 LLK D . -6.85 -1.76 1.83
C31 LLK D . -14.44 -9.74 4.10
H1 LLK D . -11.93 -6.06 2.30
H2 LLK D . -13.56 -7.72 2.68
H4 LLK D . -10.67 -10.20 4.09
H7 LLK D . -9.67 -5.28 2.35
H9 LLK D . -6.84 -7.84 3.77
H10 LLK D . -8.48 -9.50 4.17
H12 LLK D . -8.14 -3.94 2.84
H31 LLK D . -14.98 -10.52 4.25
H14 LLK D . -7.55 -2.09 1.24
H14A LLK D . -7.14 -0.97 2.27
H14B LLK D . -6.07 -1.57 1.31
H1B LLK D . -14.36 -9.23 4.90
H1C LLK D . -14.84 -9.21 3.41
H112 LLK D . -7.28 -4.10 1.57
#